data_1B4Z
#
_entry.id   1B4Z
#
_cell.length_a   110.010
_cell.length_b   75.550
_cell.length_c   70.381
_cell.angle_alpha   90.00
_cell.angle_beta   90.00
_cell.angle_gamma   90.00
#
_symmetry.space_group_name_H-M   'P 21 21 21'
#
loop_
_entity.id
_entity.type
_entity.pdbx_description
1 polymer 'PROTEIN (OLIGO-PEPTIDE BINDING PROTEIN)'
2 polymer 'PROTEIN (PEPTIDE LYS-ASP-LYS)'
3 non-polymer 'URANYL (VI) ION'
4 non-polymer 'ACETATE ION'
5 water water
#
loop_
_entity_poly.entity_id
_entity_poly.type
_entity_poly.pdbx_seq_one_letter_code
_entity_poly.pdbx_strand_id
1 'polypeptide(L)'
;ADVPAGVQLADKQTLVRNNGSEVQSLDPHKIEGVPESNVSRDLFEGLLISDVEGHPSPGVAEKWENKDFKVWTFHLRENA
KWSDGTPVTAHDFVYSWQRLADPNTASPYASYLQYGHIANIDDIIAGKKPATDLGVKALDDHTFEVTLSEPVPYFYKLLV
HPSVSPVPKSAVEKFGDKWTQPANIVTNGAYKLKNWVVNERIVLERNPQYWDNAKTVINQVTYLPISSEVTDVNRYRSGE
IDMTYNNMPIELFQKLKKEIPNEVRVDPYLCTYYYEINNQKAPFNDVRVRTALKLALDRDIIVNKVKNQGDLPAYSYTPP
YTDGAKLVEPEWFKWSQQKRNEEAKKLLAEAGFTADKPLTFDLLYNTSDLHKKLAIAVASIWKKNLGVNVNLENQEWKTF
LDTRHQGTFDVARAGWCADYNEPTSFLNTMLSDSSNNTAHYKSPAFDKLIADTLKVADDTQRSELYAKAEQQLDKDSAIV
PVYYYVNARLVKPWVGGYTGKDPLDNIYVKNLYIIKH
;
A
2 'polypeptide(L)' KDK B
#
# COMPACT_ATOMS: atom_id res chain seq x y z
N ALA A 1 -23.60 -3.29 -2.68
CA ALA A 1 -23.60 -4.55 -1.89
C ALA A 1 -24.62 -5.50 -2.52
N ASP A 2 -24.35 -6.78 -2.38
CA ASP A 2 -25.30 -7.80 -2.89
C ASP A 2 -25.80 -8.55 -1.67
N VAL A 3 -26.91 -8.16 -1.08
CA VAL A 3 -27.42 -8.76 0.15
C VAL A 3 -28.07 -10.12 -0.15
N PRO A 4 -27.52 -11.20 0.37
CA PRO A 4 -28.04 -12.54 0.16
C PRO A 4 -29.50 -12.69 0.53
N ALA A 5 -30.18 -13.59 -0.20
CA ALA A 5 -31.60 -13.88 0.01
C ALA A 5 -31.84 -14.22 1.47
N GLY A 6 -32.86 -13.65 2.10
CA GLY A 6 -33.14 -14.01 3.47
C GLY A 6 -32.40 -13.31 4.58
N VAL A 7 -31.33 -12.53 4.35
CA VAL A 7 -30.71 -11.88 5.50
C VAL A 7 -31.61 -10.71 5.90
N GLN A 8 -31.76 -10.52 7.19
CA GLN A 8 -32.56 -9.42 7.71
C GLN A 8 -31.59 -8.23 7.89
N LEU A 9 -31.89 -7.10 7.26
CA LEU A 9 -30.98 -5.97 7.47
C LEU A 9 -31.34 -5.18 8.72
N ALA A 10 -30.30 -4.65 9.35
CA ALA A 10 -30.51 -3.79 10.50
C ALA A 10 -31.26 -2.54 10.02
N ASP A 11 -32.00 -1.95 10.94
CA ASP A 11 -32.71 -0.70 10.66
C ASP A 11 -31.70 0.42 10.40
N LYS A 12 -30.65 0.49 11.18
CA LYS A 12 -29.63 1.51 11.08
C LYS A 12 -28.42 0.92 10.36
N GLN A 13 -28.09 1.50 9.21
CA GLN A 13 -27.00 1.01 8.38
C GLN A 13 -25.79 1.94 8.53
N THR A 14 -25.12 1.85 9.67
CA THR A 14 -23.94 2.68 9.93
C THR A 14 -22.79 1.73 10.31
N LEU A 15 -21.59 2.20 10.05
CA LEU A 15 -20.40 1.40 10.26
C LEU A 15 -19.31 2.26 10.85
N VAL A 16 -18.55 1.66 11.75
CA VAL A 16 -17.38 2.35 12.31
C VAL A 16 -16.18 1.43 12.07
N ARG A 17 -15.20 1.95 11.34
CA ARG A 17 -13.97 1.21 11.06
C ARG A 17 -12.75 1.87 11.65
N ASN A 18 -11.79 1.12 12.24
CA ASN A 18 -10.61 1.84 12.67
C ASN A 18 -9.69 1.89 11.44
N ASN A 19 -8.88 2.93 11.32
CA ASN A 19 -8.13 3.11 10.07
C ASN A 19 -6.63 3.27 10.32
N GLY A 20 -6.18 2.87 11.51
CA GLY A 20 -4.78 2.83 11.87
C GLY A 20 -4.05 4.11 12.18
N SER A 21 -4.36 5.22 11.59
CA SER A 21 -3.70 6.50 11.84
C SER A 21 -4.49 7.62 11.16
N GLU A 22 -4.04 8.83 11.42
CA GLU A 22 -4.62 10.00 10.75
C GLU A 22 -4.09 9.97 9.31
N VAL A 23 -4.97 10.16 8.33
CA VAL A 23 -4.50 10.13 6.94
C VAL A 23 -3.53 11.25 6.64
N GLN A 24 -2.67 11.01 5.65
CA GLN A 24 -1.77 12.03 5.15
C GLN A 24 -2.62 13.16 4.52
N SER A 25 -3.66 12.72 3.79
CA SER A 25 -4.45 13.67 2.99
C SER A 25 -5.66 12.91 2.42
N LEU A 26 -6.62 13.66 1.89
CA LEU A 26 -7.72 13.02 1.17
C LEU A 26 -7.54 13.28 -0.32
N ASP A 27 -6.47 13.96 -0.70
CA ASP A 27 -6.22 14.24 -2.14
C ASP A 27 -5.57 12.99 -2.72
N PRO A 28 -6.18 12.34 -3.72
CA PRO A 28 -5.65 11.13 -4.32
C PRO A 28 -4.21 11.23 -4.81
N HIS A 29 -3.78 12.44 -5.20
CA HIS A 29 -2.41 12.61 -5.67
C HIS A 29 -1.41 12.91 -4.56
N LYS A 30 -1.84 12.99 -3.29
CA LYS A 30 -0.86 13.31 -2.24
C LYS A 30 -0.73 12.15 -1.26
N ILE A 31 -1.16 10.95 -1.63
CA ILE A 31 -1.21 9.84 -0.64
C ILE A 31 -0.41 8.64 -1.11
N GLU A 32 0.02 7.79 -0.13
CA GLU A 32 0.71 6.57 -0.55
C GLU A 32 0.39 5.41 0.39
N GLY A 33 -0.42 5.62 1.45
CA GLY A 33 -0.53 4.50 2.41
C GLY A 33 -1.88 3.77 2.38
N VAL A 34 -1.91 2.68 3.18
CA VAL A 34 -3.15 1.90 3.34
C VAL A 34 -4.26 2.69 3.99
N PRO A 35 -4.04 3.44 5.08
CA PRO A 35 -5.11 4.21 5.68
C PRO A 35 -5.66 5.25 4.72
N GLU A 36 -4.74 5.83 3.95
CA GLU A 36 -5.18 6.85 2.97
C GLU A 36 -6.09 6.23 1.92
N SER A 37 -5.66 5.10 1.38
CA SER A 37 -6.35 4.38 0.33
C SER A 37 -7.66 3.83 0.81
N ASN A 38 -7.74 3.41 2.09
CA ASN A 38 -9.01 2.92 2.63
C ASN A 38 -10.12 3.96 2.49
N VAL A 39 -9.80 5.20 2.86
CA VAL A 39 -10.78 6.29 2.74
C VAL A 39 -10.95 6.65 1.26
N SER A 40 -9.84 6.67 0.53
CA SER A 40 -9.94 7.07 -0.90
C SER A 40 -10.89 6.18 -1.71
N ARG A 41 -10.93 4.88 -1.47
CA ARG A 41 -11.84 4.03 -2.29
C ARG A 41 -13.29 4.37 -2.08
N ASP A 42 -13.71 4.88 -0.93
CA ASP A 42 -15.10 5.25 -0.70
C ASP A 42 -15.44 6.58 -1.38
N LEU A 43 -14.42 7.44 -1.56
CA LEU A 43 -14.70 8.78 -2.07
C LEU A 43 -14.44 8.99 -3.56
N PHE A 44 -13.39 8.41 -4.11
CA PHE A 44 -13.01 8.67 -5.49
C PHE A 44 -12.95 7.36 -6.26
N GLU A 45 -13.60 7.32 -7.44
CA GLU A 45 -13.64 6.09 -8.22
C GLU A 45 -12.97 6.26 -9.57
N GLY A 46 -12.00 5.38 -9.79
CA GLY A 46 -11.26 5.40 -11.06
C GLY A 46 -11.94 4.61 -12.15
N LEU A 47 -11.16 4.30 -13.18
CA LEU A 47 -11.65 3.60 -14.39
C LEU A 47 -12.21 2.24 -14.00
N LEU A 48 -11.43 1.50 -13.23
CA LEU A 48 -11.88 0.20 -12.75
C LEU A 48 -11.84 0.25 -11.20
N ILE A 49 -12.51 -0.72 -10.58
CA ILE A 49 -12.50 -0.90 -9.12
C ILE A 49 -12.31 -2.41 -8.88
N SER A 50 -12.00 -2.83 -7.68
CA SER A 50 -11.98 -4.24 -7.37
C SER A 50 -13.38 -4.70 -7.01
N ASP A 51 -13.76 -5.92 -7.40
CA ASP A 51 -15.06 -6.39 -6.87
C ASP A 51 -14.83 -6.88 -5.44
N VAL A 52 -15.78 -7.60 -4.86
CA VAL A 52 -15.66 -8.06 -3.47
C VAL A 52 -14.62 -9.13 -3.27
N GLU A 53 -14.12 -9.77 -4.32
CA GLU A 53 -13.07 -10.79 -4.18
C GLU A 53 -11.75 -10.26 -4.65
N GLY A 54 -11.69 -8.99 -5.09
CA GLY A 54 -10.44 -8.44 -5.54
C GLY A 54 -10.24 -8.41 -7.04
N HIS A 55 -11.18 -8.95 -7.82
CA HIS A 55 -10.98 -8.93 -9.30
C HIS A 55 -11.18 -7.52 -9.87
N PRO A 56 -10.30 -7.09 -10.78
CA PRO A 56 -10.43 -5.81 -11.45
C PRO A 56 -11.77 -5.83 -12.19
N SER A 57 -12.60 -4.82 -12.03
CA SER A 57 -13.97 -4.78 -12.50
C SER A 57 -14.31 -3.38 -12.92
N PRO A 58 -15.43 -3.23 -13.65
CA PRO A 58 -15.84 -1.90 -14.10
C PRO A 58 -15.97 -0.90 -12.98
N GLY A 59 -15.42 0.30 -13.18
CA GLY A 59 -15.60 1.44 -12.26
C GLY A 59 -16.30 2.55 -13.02
N VAL A 60 -15.64 3.69 -13.29
CA VAL A 60 -16.30 4.68 -14.16
C VAL A 60 -16.32 4.11 -15.58
N ALA A 61 -15.31 3.34 -16.01
CA ALA A 61 -15.37 2.68 -17.30
C ALA A 61 -16.26 1.43 -17.22
N GLU A 62 -17.26 1.33 -18.13
CA GLU A 62 -18.09 0.12 -18.15
C GLU A 62 -17.49 -0.95 -19.04
N LYS A 63 -16.66 -0.55 -20.02
CA LYS A 63 -16.01 -1.54 -20.89
C LYS A 63 -14.77 -0.90 -21.49
N TRP A 64 -13.86 -1.75 -21.92
CA TRP A 64 -12.57 -1.29 -22.41
C TRP A 64 -11.97 -2.31 -23.37
N GLU A 65 -11.12 -1.83 -24.28
CA GLU A 65 -10.41 -2.65 -25.22
C GLU A 65 -8.95 -2.25 -25.25
N ASN A 66 -8.09 -3.12 -25.82
CA ASN A 66 -6.70 -2.70 -26.00
C ASN A 66 -6.25 -3.12 -27.42
N LYS A 67 -5.30 -2.36 -27.92
CA LYS A 67 -4.70 -2.70 -29.22
C LYS A 67 -3.23 -2.95 -28.92
N ASP A 68 -2.82 -4.19 -29.07
CA ASP A 68 -1.47 -4.67 -28.88
C ASP A 68 -0.98 -4.42 -27.44
N PHE A 69 -1.91 -4.29 -26.48
CA PHE A 69 -1.58 -3.99 -25.11
C PHE A 69 -0.88 -2.65 -24.99
N LYS A 70 -0.96 -1.76 -25.99
CA LYS A 70 -0.30 -0.48 -25.98
C LYS A 70 -1.29 0.67 -26.05
N VAL A 71 -2.45 0.47 -26.71
CA VAL A 71 -3.43 1.58 -26.72
C VAL A 71 -4.71 1.01 -26.09
N TRP A 72 -5.07 1.62 -24.95
CA TRP A 72 -6.19 1.15 -24.16
C TRP A 72 -7.27 2.18 -24.21
N THR A 73 -8.48 1.72 -24.55
CA THR A 73 -9.62 2.62 -24.73
C THR A 73 -10.71 2.27 -23.75
N PHE A 74 -11.02 3.26 -22.91
CA PHE A 74 -12.02 3.06 -21.86
C PHE A 74 -13.31 3.77 -22.19
N HIS A 75 -14.40 3.02 -22.18
CA HIS A 75 -15.73 3.58 -22.43
C HIS A 75 -16.40 3.91 -21.12
N LEU A 76 -16.52 5.19 -20.80
CA LEU A 76 -17.08 5.57 -19.49
C LEU A 76 -18.60 5.55 -19.52
N ARG A 77 -19.18 5.05 -18.44
CA ARG A 77 -20.65 5.00 -18.33
C ARG A 77 -21.26 6.39 -18.39
N GLU A 78 -22.41 6.51 -19.10
CA GLU A 78 -22.98 7.86 -19.28
C GLU A 78 -23.51 8.51 -18.04
N ASN A 79 -23.90 7.74 -17.02
CA ASN A 79 -24.47 8.27 -15.81
C ASN A 79 -23.47 8.40 -14.66
N ALA A 80 -22.17 8.36 -14.95
CA ALA A 80 -21.17 8.54 -13.89
C ALA A 80 -21.21 10.01 -13.51
N LYS A 81 -21.38 10.32 -12.22
CA LYS A 81 -21.47 11.69 -11.79
C LYS A 81 -20.66 11.99 -10.53
N TRP A 82 -20.36 13.25 -10.35
CA TRP A 82 -19.71 13.79 -9.15
C TRP A 82 -20.77 14.06 -8.12
N SER A 83 -20.44 14.34 -6.85
CA SER A 83 -21.46 14.52 -5.82
C SER A 83 -22.23 15.84 -5.90
N ASP A 84 -21.80 16.74 -6.79
CA ASP A 84 -22.50 17.98 -7.04
C ASP A 84 -23.47 17.79 -8.21
N GLY A 85 -23.66 16.56 -8.67
CA GLY A 85 -24.52 16.30 -9.80
C GLY A 85 -23.90 16.42 -11.17
N THR A 86 -22.70 16.93 -11.34
CA THR A 86 -22.09 17.08 -12.67
C THR A 86 -21.49 15.79 -13.19
N PRO A 87 -21.40 15.60 -14.50
CA PRO A 87 -20.93 14.35 -15.07
C PRO A 87 -19.44 14.08 -14.84
N VAL A 88 -19.04 12.84 -14.65
CA VAL A 88 -17.60 12.50 -14.65
C VAL A 88 -17.29 12.24 -16.13
N THR A 89 -16.27 12.90 -16.68
CA THR A 89 -15.97 12.70 -18.10
C THR A 89 -14.57 12.21 -18.29
N ALA A 90 -14.24 11.90 -19.54
CA ALA A 90 -12.86 11.57 -19.87
C ALA A 90 -11.98 12.80 -19.66
N HIS A 91 -12.48 14.03 -19.79
CA HIS A 91 -11.65 15.20 -19.55
C HIS A 91 -11.18 15.24 -18.07
N ASP A 92 -12.02 14.74 -17.15
CA ASP A 92 -11.59 14.69 -15.75
C ASP A 92 -10.38 13.77 -15.59
N PHE A 93 -10.39 12.64 -16.27
CA PHE A 93 -9.25 11.73 -16.24
C PHE A 93 -8.04 12.33 -16.91
N VAL A 94 -8.22 13.11 -18.04
CA VAL A 94 -7.04 13.71 -18.65
C VAL A 94 -6.37 14.68 -17.69
N TYR A 95 -7.12 15.55 -17.08
CA TYR A 95 -6.64 16.56 -16.16
C TYR A 95 -5.95 15.82 -14.98
N SER A 96 -6.65 14.84 -14.46
CA SER A 96 -6.13 14.16 -13.24
C SER A 96 -4.83 13.45 -13.46
N TRP A 97 -4.71 12.66 -14.55
CA TRP A 97 -3.45 11.98 -14.78
C TRP A 97 -2.35 12.97 -15.13
N GLN A 98 -2.68 14.09 -15.80
CA GLN A 98 -1.65 15.11 -15.98
C GLN A 98 -1.22 15.67 -14.62
N ARG A 99 -2.11 15.94 -13.69
CA ARG A 99 -1.73 16.51 -12.41
C ARG A 99 -0.87 15.52 -11.64
N LEU A 100 -1.20 14.23 -11.71
CA LEU A 100 -0.34 13.22 -11.08
C LEU A 100 1.07 13.24 -11.66
N ALA A 101 1.24 13.34 -12.98
CA ALA A 101 2.53 13.35 -13.62
C ALA A 101 3.34 14.64 -13.38
N ASP A 102 2.67 15.75 -13.15
CA ASP A 102 3.34 17.04 -13.06
C ASP A 102 4.22 17.08 -11.83
N PRO A 103 5.51 17.38 -12.01
CA PRO A 103 6.43 17.51 -10.90
C PRO A 103 6.01 18.50 -9.84
N ASN A 104 5.31 19.58 -10.19
CA ASN A 104 4.82 20.54 -9.24
C ASN A 104 3.82 19.95 -8.24
N THR A 105 3.16 18.84 -8.59
CA THR A 105 2.23 18.21 -7.63
C THR A 105 3.03 17.42 -6.59
N ALA A 106 4.23 17.01 -6.95
CA ALA A 106 5.13 16.27 -6.08
C ALA A 106 4.43 15.06 -5.48
N SER A 107 3.68 14.32 -6.30
CA SER A 107 3.00 13.12 -5.75
C SER A 107 4.03 12.06 -5.44
N PRO A 108 3.83 11.34 -4.32
CA PRO A 108 4.63 10.16 -4.00
C PRO A 108 4.35 9.03 -4.98
N TYR A 109 3.21 9.14 -5.69
CA TYR A 109 2.87 8.15 -6.71
C TYR A 109 3.03 8.66 -8.15
N ALA A 110 3.80 9.73 -8.40
CA ALA A 110 4.11 10.13 -9.77
C ALA A 110 4.65 8.98 -10.60
N SER A 111 5.51 8.10 -10.04
CA SER A 111 6.00 6.94 -10.78
C SER A 111 4.98 5.87 -11.09
N TYR A 112 3.75 5.95 -10.63
CA TYR A 112 2.72 4.95 -10.98
C TYR A 112 2.50 5.01 -12.52
N LEU A 113 2.64 6.25 -13.07
CA LEU A 113 2.49 6.39 -14.54
C LEU A 113 3.68 5.84 -15.29
N GLN A 114 4.84 5.75 -14.65
CA GLN A 114 6.00 5.06 -15.22
C GLN A 114 5.75 3.54 -15.12
N TYR A 115 5.19 3.06 -14.03
CA TYR A 115 4.90 1.63 -13.83
C TYR A 115 3.96 1.14 -14.95
N GLY A 116 3.03 2.01 -15.36
CA GLY A 116 2.17 1.60 -16.48
C GLY A 116 2.77 1.96 -17.85
N HIS A 117 3.88 2.69 -17.87
CA HIS A 117 4.56 3.13 -19.09
C HIS A 117 3.72 4.03 -19.99
N ILE A 118 2.95 4.94 -19.44
CA ILE A 118 2.18 5.89 -20.24
C ILE A 118 3.17 6.73 -21.05
N ALA A 119 2.86 6.98 -22.32
CA ALA A 119 3.82 7.67 -23.17
C ALA A 119 4.25 9.01 -22.58
N ASN A 120 5.54 9.29 -22.73
CA ASN A 120 6.20 10.51 -22.34
C ASN A 120 6.37 10.78 -20.85
N ILE A 121 6.04 9.87 -19.97
CA ILE A 121 6.07 10.17 -18.54
C ILE A 121 7.45 10.48 -18.01
N ASP A 122 8.49 9.81 -18.49
CA ASP A 122 9.85 10.06 -17.98
C ASP A 122 10.26 11.51 -18.22
N ASP A 123 10.05 12.03 -19.43
CA ASP A 123 10.38 13.42 -19.71
C ASP A 123 9.53 14.37 -18.90
N ILE A 124 8.26 14.03 -18.66
CA ILE A 124 7.41 14.89 -17.85
C ILE A 124 7.92 14.89 -16.41
N ILE A 125 8.20 13.71 -15.86
CA ILE A 125 8.69 13.73 -14.47
C ILE A 125 9.95 14.56 -14.29
N ALA A 126 10.86 14.47 -15.25
CA ALA A 126 12.14 15.17 -15.24
C ALA A 126 12.05 16.61 -15.70
N GLY A 127 10.88 17.16 -15.98
CA GLY A 127 10.68 18.54 -16.35
C GLY A 127 11.08 18.92 -17.76
N LYS A 128 11.30 17.93 -18.63
CA LYS A 128 11.73 18.19 -20.00
C LYS A 128 10.56 18.43 -20.94
N LYS A 129 9.38 17.97 -20.56
CA LYS A 129 8.16 18.13 -21.34
C LYS A 129 7.06 18.53 -20.38
N PRO A 130 6.10 19.30 -20.82
CA PRO A 130 4.99 19.71 -20.00
C PRO A 130 4.08 18.50 -19.74
N ALA A 131 3.29 18.55 -18.67
CA ALA A 131 2.41 17.44 -18.33
C ALA A 131 1.34 17.19 -19.37
N THR A 132 1.01 18.22 -20.16
CA THR A 132 0.03 18.10 -21.24
C THR A 132 0.55 17.22 -22.35
N ASP A 133 1.79 16.78 -22.35
CA ASP A 133 2.32 15.89 -23.36
C ASP A 133 2.06 14.43 -22.96
N LEU A 134 1.46 14.20 -21.79
CA LEU A 134 1.22 12.83 -21.32
C LEU A 134 0.38 12.06 -22.33
N GLY A 135 0.67 10.80 -22.55
CA GLY A 135 -0.07 9.98 -23.51
C GLY A 135 -1.45 9.54 -23.12
N VAL A 136 -2.34 10.47 -22.80
CA VAL A 136 -3.72 10.30 -22.50
C VAL A 136 -4.53 11.35 -23.26
N LYS A 137 -5.69 10.97 -23.78
CA LYS A 137 -6.57 11.98 -24.37
C LYS A 137 -8.02 11.58 -24.19
N ALA A 138 -8.94 12.52 -24.21
CA ALA A 138 -10.38 12.29 -24.19
C ALA A 138 -10.85 12.26 -25.65
N LEU A 139 -11.29 11.11 -26.15
CA LEU A 139 -11.72 11.10 -27.58
C LEU A 139 -13.08 11.75 -27.70
N ASP A 140 -13.81 11.76 -26.60
CA ASP A 140 -15.07 12.45 -26.42
C ASP A 140 -15.34 12.52 -24.91
N ASP A 141 -16.47 13.02 -24.48
CA ASP A 141 -16.76 13.12 -23.05
C ASP A 141 -16.77 11.75 -22.37
N HIS A 142 -17.10 10.67 -23.06
CA HIS A 142 -17.21 9.37 -22.40
C HIS A 142 -16.20 8.36 -22.88
N THR A 143 -15.09 8.83 -23.46
CA THR A 143 -14.11 7.91 -24.01
C THR A 143 -12.69 8.36 -23.69
N PHE A 144 -12.00 7.61 -22.83
CA PHE A 144 -10.65 7.95 -22.41
C PHE A 144 -9.67 6.96 -23.02
N GLU A 145 -8.67 7.48 -23.72
CA GLU A 145 -7.68 6.67 -24.42
C GLU A 145 -6.26 6.91 -23.88
N VAL A 146 -5.63 5.81 -23.54
CA VAL A 146 -4.29 5.81 -22.96
C VAL A 146 -3.31 5.14 -23.90
N THR A 147 -2.20 5.84 -24.16
CA THR A 147 -1.22 5.25 -25.07
C THR A 147 0.08 4.97 -24.28
N LEU A 148 0.55 3.75 -24.33
CA LEU A 148 1.76 3.36 -23.63
C LEU A 148 2.97 3.32 -24.56
N SER A 149 4.17 3.31 -23.99
CA SER A 149 5.35 3.26 -24.86
C SER A 149 5.78 1.85 -25.17
N GLU A 150 5.19 0.82 -24.57
CA GLU A 150 5.46 -0.57 -24.86
C GLU A 150 4.29 -1.39 -24.32
N PRO A 151 4.10 -2.59 -24.84
CA PRO A 151 3.00 -3.44 -24.46
C PRO A 151 3.06 -3.77 -22.96
N VAL A 152 1.93 -3.57 -22.30
CA VAL A 152 1.80 -3.87 -20.86
C VAL A 152 0.51 -4.67 -20.70
N PRO A 153 0.59 -6.00 -20.70
CA PRO A 153 -0.60 -6.83 -20.71
C PRO A 153 -1.43 -6.75 -19.45
N TYR A 154 -0.74 -6.44 -18.35
CA TYR A 154 -1.47 -6.28 -17.08
C TYR A 154 -1.82 -4.83 -16.82
N PHE A 155 -1.73 -3.91 -17.79
CA PHE A 155 -1.99 -2.50 -17.52
C PHE A 155 -3.30 -2.25 -16.80
N TYR A 156 -4.44 -2.82 -17.27
CA TYR A 156 -5.71 -2.55 -16.61
C TYR A 156 -5.69 -2.87 -15.11
N LYS A 157 -4.96 -3.87 -14.66
CA LYS A 157 -4.89 -4.16 -13.20
C LYS A 157 -4.39 -2.97 -12.40
N LEU A 158 -3.54 -2.08 -12.92
CA LEU A 158 -3.08 -0.95 -12.11
C LEU A 158 -4.20 0.00 -11.79
N LEU A 159 -5.27 0.04 -12.59
CA LEU A 159 -6.24 1.14 -12.57
C LEU A 159 -7.17 1.23 -11.39
N VAL A 160 -7.15 0.28 -10.45
CA VAL A 160 -7.97 0.40 -9.25
C VAL A 160 -7.28 1.25 -8.17
N HIS A 161 -6.06 1.73 -8.35
CA HIS A 161 -5.31 2.43 -7.30
C HIS A 161 -5.72 3.89 -7.20
N PRO A 162 -5.69 4.48 -6.00
CA PRO A 162 -6.16 5.86 -5.78
C PRO A 162 -5.46 6.88 -6.62
N SER A 163 -4.19 6.70 -6.93
CA SER A 163 -3.44 7.72 -7.67
C SER A 163 -4.00 7.99 -9.06
N VAL A 164 -4.68 7.05 -9.65
CA VAL A 164 -5.28 7.18 -10.99
C VAL A 164 -6.79 7.42 -10.90
N SER A 165 -7.28 7.79 -9.72
CA SER A 165 -8.70 8.24 -9.59
C SER A 165 -8.79 9.70 -10.06
N PRO A 166 -9.97 10.11 -10.46
CA PRO A 166 -10.15 11.50 -10.87
C PRO A 166 -10.30 12.44 -9.70
N VAL A 167 -9.86 13.70 -9.94
CA VAL A 167 -10.03 14.74 -8.94
C VAL A 167 -10.78 15.89 -9.65
N PRO A 168 -11.51 16.67 -8.90
CA PRO A 168 -12.34 17.73 -9.53
C PRO A 168 -11.54 19.00 -9.77
N LYS A 169 -11.18 19.30 -10.99
CA LYS A 169 -10.35 20.46 -11.34
C LYS A 169 -10.87 21.78 -10.78
N SER A 170 -12.17 22.00 -10.93
CA SER A 170 -12.73 23.28 -10.43
C SER A 170 -12.50 23.50 -8.95
N ALA A 171 -12.65 22.49 -8.08
CA ALA A 171 -12.42 22.63 -6.66
C ALA A 171 -10.93 22.77 -6.36
N VAL A 172 -10.09 21.97 -7.04
CA VAL A 172 -8.66 22.05 -6.82
C VAL A 172 -8.15 23.46 -7.13
N GLU A 173 -8.59 23.98 -8.27
CA GLU A 173 -8.15 25.32 -8.69
C GLU A 173 -8.64 26.45 -7.82
N LYS A 174 -9.90 26.42 -7.43
CA LYS A 174 -10.47 27.48 -6.62
C LYS A 174 -10.03 27.40 -5.18
N PHE A 175 -9.88 26.20 -4.58
CA PHE A 175 -9.54 26.13 -3.16
C PHE A 175 -8.14 25.68 -2.79
N GLY A 176 -7.37 25.22 -3.74
CA GLY A 176 -6.00 24.82 -3.55
C GLY A 176 -5.95 23.66 -2.56
N ASP A 177 -5.00 23.78 -1.61
CA ASP A 177 -4.85 22.76 -0.59
C ASP A 177 -6.06 22.54 0.31
N LYS A 178 -7.06 23.42 0.34
CA LYS A 178 -8.26 23.22 1.12
C LYS A 178 -9.42 22.64 0.33
N TRP A 179 -9.17 22.13 -0.88
CA TRP A 179 -10.23 21.57 -1.74
C TRP A 179 -10.88 20.35 -1.09
N THR A 180 -10.12 19.62 -0.26
CA THR A 180 -10.63 18.44 0.41
C THR A 180 -11.41 18.71 1.68
N GLN A 181 -11.55 19.97 2.13
CA GLN A 181 -12.41 20.25 3.28
C GLN A 181 -13.84 19.90 2.92
N PRO A 182 -14.67 19.50 3.87
CA PRO A 182 -16.04 19.10 3.66
C PRO A 182 -16.84 20.11 2.86
N ALA A 183 -16.64 21.41 3.14
CA ALA A 183 -17.42 22.44 2.43
C ALA A 183 -17.05 22.59 0.97
N ASN A 184 -15.84 22.15 0.60
CA ASN A 184 -15.35 22.35 -0.73
C ASN A 184 -15.26 21.11 -1.59
N ILE A 185 -15.03 19.98 -0.96
CA ILE A 185 -14.78 18.75 -1.70
C ILE A 185 -15.92 18.30 -2.60
N VAL A 186 -15.56 17.72 -3.73
CA VAL A 186 -16.46 17.10 -4.67
C VAL A 186 -16.00 15.67 -4.91
N THR A 187 -16.84 14.66 -4.77
CA THR A 187 -16.36 13.27 -4.91
C THR A 187 -17.23 12.42 -5.84
N ASN A 188 -16.65 11.31 -6.36
CA ASN A 188 -17.43 10.51 -7.31
C ASN A 188 -17.60 9.05 -6.92
N GLY A 189 -17.15 8.74 -5.69
CA GLY A 189 -17.34 7.34 -5.26
C GLY A 189 -18.71 7.20 -4.62
N ALA A 190 -18.89 6.08 -3.90
CA ALA A 190 -20.17 5.81 -3.27
C ALA A 190 -20.50 6.73 -2.13
N TYR A 191 -19.52 7.41 -1.52
CA TYR A 191 -19.71 8.27 -0.38
C TYR A 191 -19.23 9.71 -0.65
N LYS A 192 -19.59 10.61 0.27
CA LYS A 192 -19.18 11.99 0.25
C LYS A 192 -18.60 12.29 1.64
N LEU A 193 -17.77 13.30 1.75
CA LEU A 193 -17.20 13.62 3.07
C LEU A 193 -18.16 14.45 3.90
N LYS A 194 -18.50 14.00 5.09
CA LYS A 194 -19.37 14.81 5.95
C LYS A 194 -18.56 15.57 6.98
N ASN A 195 -17.66 14.88 7.68
CA ASN A 195 -16.90 15.50 8.76
C ASN A 195 -15.44 15.07 8.76
N TRP A 196 -14.51 15.96 9.04
CA TRP A 196 -13.11 15.55 9.11
C TRP A 196 -12.52 16.28 10.34
N VAL A 197 -12.40 15.55 11.44
CA VAL A 197 -11.83 16.11 12.67
C VAL A 197 -10.44 15.45 12.81
N VAL A 198 -9.38 16.19 12.63
CA VAL A 198 -8.03 15.58 12.62
C VAL A 198 -7.75 14.91 13.94
N ASN A 199 -7.27 13.67 13.88
CA ASN A 199 -6.98 12.88 15.07
C ASN A 199 -8.21 12.53 15.88
N GLU A 200 -9.41 12.59 15.28
CA GLU A 200 -10.59 12.13 15.96
C GLU A 200 -11.41 11.19 15.08
N ARG A 201 -11.85 11.75 13.95
CA ARG A 201 -12.64 10.89 13.05
C ARG A 201 -12.85 11.50 11.68
N ILE A 202 -13.09 10.61 10.71
CA ILE A 202 -13.51 10.98 9.37
C ILE A 202 -14.92 10.38 9.17
N VAL A 203 -15.91 11.25 8.86
CA VAL A 203 -17.26 10.65 8.68
C VAL A 203 -17.75 10.82 7.25
N LEU A 204 -18.08 9.70 6.61
CA LEU A 204 -18.54 9.67 5.24
C LEU A 204 -20.05 9.37 5.17
N GLU A 205 -20.73 10.02 4.23
CA GLU A 205 -22.17 9.73 4.11
C GLU A 205 -22.46 9.34 2.66
N ARG A 206 -23.48 8.52 2.49
CA ARG A 206 -23.80 8.09 1.11
C ARG A 206 -23.90 9.22 0.11
N ASN A 207 -23.39 9.01 -1.11
CA ASN A 207 -23.41 10.00 -2.19
C ASN A 207 -24.57 9.59 -3.12
N PRO A 208 -25.65 10.31 -3.09
CA PRO A 208 -26.83 9.97 -3.90
C PRO A 208 -26.61 10.08 -5.40
N GLN A 209 -25.59 10.81 -5.81
CA GLN A 209 -25.26 10.95 -7.23
C GLN A 209 -24.42 9.80 -7.76
N TYR A 210 -23.93 8.92 -6.85
CA TYR A 210 -23.12 7.81 -7.32
C TYR A 210 -23.92 6.99 -8.31
N TRP A 211 -23.30 6.61 -9.45
CA TRP A 211 -24.04 5.83 -10.45
C TRP A 211 -24.64 4.54 -9.92
N ASP A 212 -23.95 3.87 -8.98
CA ASP A 212 -24.48 2.62 -8.47
C ASP A 212 -25.10 2.77 -7.08
N ASN A 213 -25.52 3.95 -6.72
CA ASN A 213 -26.14 4.28 -5.45
C ASN A 213 -27.29 3.39 -5.01
N ALA A 214 -28.13 2.92 -5.93
CA ALA A 214 -29.22 2.01 -5.52
C ALA A 214 -28.67 0.75 -4.88
N LYS A 215 -27.45 0.29 -5.17
CA LYS A 215 -26.91 -0.89 -4.52
C LYS A 215 -26.11 -0.59 -3.25
N THR A 216 -25.87 0.66 -2.90
CA THR A 216 -25.19 0.99 -1.63
C THR A 216 -26.14 0.79 -0.46
N VAL A 217 -25.69 0.16 0.60
CA VAL A 217 -26.52 -0.13 1.75
C VAL A 217 -26.15 0.72 2.95
N ILE A 218 -24.86 0.76 3.27
CA ILE A 218 -24.40 1.53 4.44
C ILE A 218 -24.58 3.02 4.16
N ASN A 219 -25.28 3.74 5.04
CA ASN A 219 -25.56 5.14 4.85
C ASN A 219 -24.48 6.08 5.38
N GLN A 220 -23.72 5.63 6.38
CA GLN A 220 -22.67 6.44 6.99
C GLN A 220 -21.58 5.50 7.51
N VAL A 221 -20.33 5.86 7.20
CA VAL A 221 -19.19 5.10 7.74
C VAL A 221 -18.27 6.09 8.41
N THR A 222 -17.75 5.72 9.58
CA THR A 222 -16.78 6.60 10.27
C THR A 222 -15.43 5.84 10.25
N TYR A 223 -14.38 6.57 9.97
CA TYR A 223 -13.01 6.02 9.99
C TYR A 223 -12.28 6.68 11.14
N LEU A 224 -11.74 5.87 12.03
CA LEU A 224 -11.01 6.39 13.19
C LEU A 224 -9.50 6.27 12.98
N PRO A 225 -8.76 7.13 13.65
CA PRO A 225 -7.30 7.21 13.49
C PRO A 225 -6.50 6.58 14.63
N ILE A 226 -6.89 5.44 15.14
CA ILE A 226 -6.25 4.84 16.33
C ILE A 226 -5.03 3.99 15.97
N SER A 227 -3.86 4.42 16.37
CA SER A 227 -2.64 3.68 16.05
C SER A 227 -2.31 2.57 17.04
N SER A 228 -2.88 2.64 18.24
CA SER A 228 -2.70 1.59 19.23
C SER A 228 -3.63 0.42 18.90
N GLU A 229 -3.10 -0.72 18.51
CA GLU A 229 -3.88 -1.90 18.17
C GLU A 229 -4.60 -2.43 19.42
N VAL A 230 -3.99 -2.27 20.59
CA VAL A 230 -4.68 -2.66 21.83
C VAL A 230 -5.94 -1.84 22.06
N THR A 231 -5.84 -0.53 21.85
CA THR A 231 -6.98 0.38 21.98
C THR A 231 -8.02 0.12 20.94
N ASP A 232 -7.58 -0.20 19.71
CA ASP A 232 -8.56 -0.55 18.67
C ASP A 232 -9.35 -1.76 19.11
N VAL A 233 -8.68 -2.84 19.52
CA VAL A 233 -9.42 -4.03 19.99
C VAL A 233 -10.29 -3.67 21.18
N ASN A 234 -9.79 -2.84 22.11
CA ASN A 234 -10.62 -2.45 23.25
C ASN A 234 -11.90 -1.78 22.80
N ARG A 235 -11.84 -0.84 21.84
CA ARG A 235 -13.04 -0.11 21.42
C ARG A 235 -13.92 -0.94 20.51
N TYR A 236 -13.38 -1.99 19.89
CA TYR A 236 -14.19 -2.95 19.16
C TYR A 236 -14.96 -3.78 20.21
N ARG A 237 -14.27 -4.32 21.22
CA ARG A 237 -14.96 -5.18 22.20
C ARG A 237 -15.94 -4.44 23.06
N SER A 238 -15.83 -3.13 23.23
CA SER A 238 -16.75 -2.32 23.97
C SER A 238 -18.02 -2.01 23.18
N GLY A 239 -17.96 -2.24 21.85
CA GLY A 239 -19.14 -2.00 21.02
C GLY A 239 -18.99 -0.80 20.09
N GLU A 240 -18.05 0.09 20.33
CA GLU A 240 -17.93 1.27 19.46
C GLU A 240 -17.46 0.96 18.03
N ILE A 241 -16.52 0.06 17.88
CA ILE A 241 -15.92 -0.23 16.57
C ILE A 241 -16.46 -1.52 16.01
N ASP A 242 -16.83 -1.49 14.72
CA ASP A 242 -17.34 -2.65 14.03
C ASP A 242 -16.28 -3.47 13.31
N MET A 243 -15.23 -2.81 12.81
CA MET A 243 -14.16 -3.54 12.12
C MET A 243 -12.85 -2.91 12.57
N THR A 244 -11.97 -3.68 13.18
CA THR A 244 -10.69 -3.04 13.56
C THR A 244 -9.84 -2.83 12.29
N TYR A 245 -8.74 -2.08 12.51
CA TYR A 245 -7.72 -1.96 11.47
C TYR A 245 -7.02 -3.33 11.44
N ASN A 246 -6.26 -3.65 10.41
CA ASN A 246 -5.64 -4.96 10.26
C ASN A 246 -4.15 -4.85 10.55
N ASN A 247 -3.89 -4.55 11.79
CA ASN A 247 -2.62 -4.56 12.50
C ASN A 247 -3.07 -5.08 13.90
N MET A 248 -2.60 -6.24 14.35
CA MET A 248 -3.11 -6.78 15.63
C MET A 248 -2.10 -6.73 16.78
N PRO A 249 -2.54 -6.41 17.99
CA PRO A 249 -1.70 -6.25 19.15
C PRO A 249 -1.11 -7.54 19.72
N ILE A 250 0.18 -7.49 20.07
CA ILE A 250 0.82 -8.66 20.65
C ILE A 250 0.19 -8.97 22.00
N GLU A 251 -0.14 -7.93 22.78
CA GLU A 251 -0.69 -8.10 24.10
C GLU A 251 -1.89 -9.04 24.22
N LEU A 252 -2.82 -8.93 23.27
CA LEU A 252 -4.10 -9.62 23.33
C LEU A 252 -4.44 -10.66 22.29
N PHE A 253 -3.77 -10.71 21.15
CA PHE A 253 -4.14 -11.57 20.03
C PHE A 253 -4.35 -13.03 20.41
N GLN A 254 -3.36 -13.57 21.14
CA GLN A 254 -3.52 -14.99 21.54
C GLN A 254 -4.87 -15.14 22.22
N LYS A 255 -5.17 -14.35 23.23
CA LYS A 255 -6.43 -14.32 23.94
C LYS A 255 -7.63 -14.19 23.01
N LEU A 256 -7.62 -13.24 22.06
CA LEU A 256 -8.72 -13.07 21.13
C LEU A 256 -9.13 -14.28 20.31
N LYS A 257 -8.15 -15.04 19.84
CA LYS A 257 -8.45 -16.23 19.06
C LYS A 257 -9.22 -17.28 19.86
N LYS A 258 -8.95 -17.30 21.18
CA LYS A 258 -9.66 -18.25 22.03
C LYS A 258 -10.92 -17.64 22.59
N GLU A 259 -11.00 -16.32 22.70
CA GLU A 259 -12.24 -15.75 23.24
C GLU A 259 -13.28 -15.52 22.17
N ILE A 260 -12.92 -15.04 20.96
CA ILE A 260 -13.92 -14.75 19.93
C ILE A 260 -13.45 -15.23 18.56
N PRO A 261 -13.32 -16.54 18.36
CA PRO A 261 -12.81 -17.14 17.16
C PRO A 261 -13.51 -16.78 15.87
N ASN A 262 -14.82 -16.70 15.84
CA ASN A 262 -15.58 -16.36 14.67
C ASN A 262 -15.39 -14.88 14.27
N GLU A 263 -14.94 -14.01 15.16
CA GLU A 263 -14.74 -12.61 14.77
C GLU A 263 -13.34 -12.33 14.28
N VAL A 264 -12.44 -13.28 14.47
CA VAL A 264 -11.04 -13.12 14.10
C VAL A 264 -10.89 -13.59 12.66
N ARG A 265 -10.73 -12.64 11.75
CA ARG A 265 -10.58 -12.98 10.31
C ARG A 265 -9.09 -12.98 10.00
N VAL A 266 -8.59 -14.07 9.40
CA VAL A 266 -7.18 -14.18 9.09
C VAL A 266 -7.11 -14.66 7.63
N ASP A 267 -6.69 -13.81 6.71
CA ASP A 267 -6.66 -14.19 5.29
C ASP A 267 -5.36 -13.81 4.64
N PRO A 268 -5.10 -14.36 3.44
CA PRO A 268 -3.86 -14.03 2.76
C PRO A 268 -3.75 -12.54 2.47
N TYR A 269 -2.55 -12.04 2.37
CA TYR A 269 -2.34 -10.59 2.19
C TYR A 269 -1.05 -10.34 1.50
N LEU A 270 -1.05 -9.63 0.36
CA LEU A 270 0.20 -9.44 -0.39
C LEU A 270 0.98 -8.25 0.09
N CYS A 271 1.52 -8.42 1.31
CA CYS A 271 2.33 -7.37 1.93
C CYS A 271 3.57 -7.98 2.57
N THR A 272 4.63 -7.21 2.64
CA THR A 272 5.86 -7.66 3.26
C THR A 272 6.31 -6.66 4.34
N TYR A 273 6.59 -7.19 5.52
CA TYR A 273 7.11 -6.41 6.64
C TYR A 273 8.65 -6.50 6.57
N TYR A 274 9.31 -5.35 6.60
CA TYR A 274 10.76 -5.35 6.48
C TYR A 274 11.38 -4.15 7.20
N TYR A 275 12.71 -4.26 7.42
CA TYR A 275 13.36 -3.04 7.94
C TYR A 275 13.96 -2.39 6.71
N GLU A 276 13.52 -1.17 6.41
CA GLU A 276 14.08 -0.40 5.29
C GLU A 276 15.39 0.27 5.69
N ILE A 277 16.45 -0.05 4.94
CA ILE A 277 17.75 0.62 5.26
C ILE A 277 17.91 1.82 4.34
N ASN A 278 18.42 2.94 4.85
CA ASN A 278 18.65 4.10 3.95
C ASN A 278 19.96 3.82 3.21
N ASN A 279 19.86 3.39 1.93
CA ASN A 279 21.07 2.92 1.24
C ASN A 279 22.07 4.00 0.88
N GLN A 280 21.67 5.26 0.93
CA GLN A 280 22.57 6.34 0.56
C GLN A 280 23.31 6.94 1.74
N LYS A 281 23.07 6.47 2.94
CA LYS A 281 23.71 7.07 4.10
C LYS A 281 24.74 6.18 4.77
N ALA A 282 26.02 6.62 4.79
CA ALA A 282 27.02 5.82 5.49
C ALA A 282 26.61 5.71 6.95
N PRO A 283 26.88 4.59 7.58
CA PRO A 283 27.58 3.47 7.00
C PRO A 283 26.69 2.41 6.32
N PHE A 284 25.42 2.79 6.09
CA PHE A 284 24.50 1.83 5.46
C PHE A 284 24.71 1.72 3.97
N ASN A 285 25.62 2.49 3.38
CA ASN A 285 25.99 2.38 1.99
C ASN A 285 27.06 1.29 1.81
N ASP A 286 27.42 0.59 2.87
CA ASP A 286 28.34 -0.54 2.81
C ASP A 286 27.51 -1.81 2.80
N VAL A 287 27.54 -2.61 1.71
CA VAL A 287 26.79 -3.86 1.68
C VAL A 287 27.09 -4.79 2.82
N ARG A 288 28.31 -4.78 3.38
CA ARG A 288 28.61 -5.67 4.50
C ARG A 288 27.78 -5.36 5.71
N VAL A 289 27.54 -4.08 5.98
CA VAL A 289 26.76 -3.68 7.15
C VAL A 289 25.30 -4.11 6.95
N ARG A 290 24.82 -3.81 5.73
CA ARG A 290 23.43 -4.19 5.43
C ARG A 290 23.25 -5.69 5.50
N THR A 291 24.19 -6.47 4.94
CA THR A 291 24.04 -7.94 5.01
C THR A 291 24.08 -8.44 6.43
N ALA A 292 24.94 -7.86 7.29
CA ALA A 292 25.01 -8.27 8.68
C ALA A 292 23.69 -8.06 9.40
N LEU A 293 23.04 -6.91 9.17
CA LEU A 293 21.74 -6.66 9.79
C LEU A 293 20.70 -7.65 9.27
N LYS A 294 20.75 -7.95 7.99
CA LYS A 294 19.78 -8.88 7.40
C LYS A 294 19.90 -10.29 7.97
N LEU A 295 21.15 -10.81 8.03
CA LEU A 295 21.38 -12.16 8.54
C LEU A 295 21.22 -12.34 10.03
N ALA A 296 21.64 -11.34 10.83
CA ALA A 296 21.57 -11.46 12.28
C ALA A 296 20.16 -11.30 12.81
N LEU A 297 19.22 -10.79 11.99
CA LEU A 297 17.85 -10.74 12.53
C LEU A 297 17.35 -12.19 12.58
N ASP A 298 16.78 -12.65 13.69
CA ASP A 298 16.24 -14.00 13.80
C ASP A 298 14.75 -14.00 13.52
N ARG A 299 14.38 -14.38 12.30
CA ARG A 299 12.97 -14.34 11.92
C ARG A 299 12.14 -15.37 12.65
N ASP A 300 12.74 -16.52 12.97
CA ASP A 300 11.94 -17.53 13.67
C ASP A 300 11.51 -16.97 15.02
N ILE A 301 12.39 -16.27 15.74
CA ILE A 301 12.01 -15.70 17.02
C ILE A 301 10.90 -14.65 16.85
N ILE A 302 11.11 -13.71 15.95
CA ILE A 302 10.11 -12.65 15.77
C ILE A 302 8.77 -13.17 15.30
N VAL A 303 8.83 -13.87 14.16
CA VAL A 303 7.62 -14.36 13.53
C VAL A 303 6.89 -15.40 14.35
N ASN A 304 7.62 -16.38 14.90
CA ASN A 304 7.00 -17.42 15.68
C ASN A 304 6.96 -17.23 17.19
N LYS A 305 7.91 -16.55 17.80
CA LYS A 305 7.88 -16.41 19.25
C LYS A 305 7.32 -15.06 19.70
N VAL A 306 7.83 -13.97 19.16
CA VAL A 306 7.40 -12.63 19.52
C VAL A 306 6.00 -12.26 19.03
N LYS A 307 5.73 -12.51 17.76
CA LYS A 307 4.46 -12.11 17.15
C LYS A 307 3.46 -13.25 17.12
N ASN A 308 3.87 -14.37 16.54
CA ASN A 308 3.03 -15.55 16.41
C ASN A 308 1.59 -15.27 16.01
N GLN A 309 1.37 -14.62 14.86
CA GLN A 309 0.02 -14.30 14.39
C GLN A 309 -0.29 -14.97 13.05
N GLY A 310 0.58 -15.87 12.59
CA GLY A 310 0.39 -16.57 11.33
C GLY A 310 1.27 -16.06 10.19
N ASP A 311 2.15 -15.10 10.49
CA ASP A 311 3.03 -14.55 9.46
C ASP A 311 4.09 -15.58 9.06
N LEU A 312 4.60 -15.43 7.84
CA LEU A 312 5.63 -16.38 7.38
C LEU A 312 6.95 -15.66 7.31
N PRO A 313 8.03 -16.25 7.77
CA PRO A 313 9.35 -15.64 7.70
C PRO A 313 9.67 -15.27 6.26
N ALA A 314 10.23 -14.09 6.03
CA ALA A 314 10.48 -13.58 4.70
C ALA A 314 11.94 -13.56 4.31
N TYR A 315 12.18 -13.76 3.02
CA TYR A 315 13.54 -13.73 2.49
C TYR A 315 13.58 -12.91 1.22
N SER A 316 12.47 -12.28 0.84
CA SER A 316 12.39 -11.47 -0.37
C SER A 316 11.54 -10.19 -0.13
N TYR A 317 11.45 -9.32 -1.12
CA TYR A 317 10.60 -8.12 -0.96
C TYR A 317 9.23 -8.49 -1.53
N THR A 318 9.18 -8.91 -2.80
CA THR A 318 7.92 -9.39 -3.38
C THR A 318 7.45 -10.66 -2.65
N PRO A 319 6.22 -10.74 -2.17
CA PRO A 319 5.73 -11.93 -1.52
C PRO A 319 5.75 -13.06 -2.55
N PRO A 320 6.13 -14.27 -2.09
CA PRO A 320 6.24 -15.39 -3.02
C PRO A 320 4.93 -15.85 -3.62
N TYR A 321 3.82 -15.47 -3.03
CA TYR A 321 2.52 -15.87 -3.54
C TYR A 321 1.83 -14.81 -4.40
N THR A 322 2.63 -13.79 -4.75
CA THR A 322 2.14 -12.78 -5.72
C THR A 322 1.90 -13.50 -7.03
N ASP A 323 0.86 -13.12 -7.73
CA ASP A 323 0.61 -13.73 -9.07
C ASP A 323 1.79 -13.46 -10.00
N GLY A 324 2.53 -14.48 -10.44
CA GLY A 324 3.69 -14.28 -11.31
C GLY A 324 5.02 -14.43 -10.59
N ALA A 325 4.97 -14.60 -9.25
CA ALA A 325 6.19 -14.77 -8.50
C ALA A 325 6.62 -16.26 -8.51
N LYS A 326 7.85 -16.49 -8.87
CA LYS A 326 8.48 -17.81 -8.87
C LYS A 326 9.88 -17.60 -8.30
N LEU A 327 9.97 -17.22 -7.02
CA LEU A 327 11.23 -16.79 -6.47
C LEU A 327 12.16 -17.90 -5.99
N VAL A 328 13.44 -17.60 -6.02
CA VAL A 328 14.46 -18.54 -5.60
C VAL A 328 14.81 -18.23 -4.15
N GLU A 329 14.58 -19.16 -3.25
CA GLU A 329 14.89 -18.93 -1.82
C GLU A 329 16.41 -18.95 -1.68
N PRO A 330 16.98 -17.90 -1.12
CA PRO A 330 18.43 -17.81 -1.01
C PRO A 330 18.96 -18.80 -0.01
N GLU A 331 20.23 -19.20 -0.15
CA GLU A 331 20.87 -20.13 0.77
C GLU A 331 20.97 -19.63 2.20
N TRP A 332 21.12 -18.33 2.48
CA TRP A 332 21.20 -17.84 3.85
C TRP A 332 19.95 -18.12 4.65
N PHE A 333 18.78 -18.21 4.00
CA PHE A 333 17.51 -18.42 4.70
C PHE A 333 17.37 -19.84 5.23
N LYS A 334 18.02 -20.81 4.60
CA LYS A 334 17.95 -22.21 5.03
C LYS A 334 18.96 -22.52 6.11
N TRP A 335 20.00 -21.70 6.23
CA TRP A 335 20.98 -21.91 7.28
C TRP A 335 20.35 -21.83 8.66
N SER A 336 21.16 -22.25 9.66
CA SER A 336 20.76 -22.16 11.05
C SER A 336 21.01 -20.70 11.43
N GLN A 337 20.36 -20.20 12.47
CA GLN A 337 20.55 -18.81 12.91
C GLN A 337 21.96 -18.62 13.41
N GLN A 338 22.50 -19.67 14.07
CA GLN A 338 23.89 -19.56 14.56
C GLN A 338 24.82 -19.33 13.41
N LYS A 339 24.61 -20.01 12.25
CA LYS A 339 25.53 -19.75 11.14
C LYS A 339 25.34 -18.37 10.54
N ARG A 340 24.07 -17.89 10.46
CA ARG A 340 23.82 -16.53 10.02
C ARG A 340 24.51 -15.53 10.97
N ASN A 341 24.44 -15.74 12.29
CA ASN A 341 25.12 -14.83 13.21
C ASN A 341 26.62 -14.73 12.98
N GLU A 342 27.27 -15.89 12.78
CA GLU A 342 28.72 -15.85 12.56
C GLU A 342 29.09 -15.06 11.34
N GLU A 343 28.35 -15.25 10.25
CA GLU A 343 28.63 -14.54 8.99
C GLU A 343 28.43 -13.04 9.18
N ALA A 344 27.36 -12.67 9.91
CA ALA A 344 27.05 -11.29 10.22
C ALA A 344 28.15 -10.63 11.04
N LYS A 345 28.51 -11.26 12.16
CA LYS A 345 29.58 -10.73 13.01
C LYS A 345 30.87 -10.60 12.20
N LYS A 346 31.15 -11.56 11.32
CA LYS A 346 32.33 -11.49 10.45
C LYS A 346 32.30 -10.32 9.51
N LEU A 347 31.17 -10.05 8.84
CA LEU A 347 31.04 -8.91 7.94
C LEU A 347 31.16 -7.58 8.67
N LEU A 348 30.57 -7.49 9.88
CA LEU A 348 30.69 -6.24 10.63
C LEU A 348 32.13 -6.02 11.06
N ALA A 349 32.81 -7.10 11.48
CA ALA A 349 34.22 -6.89 11.88
C ALA A 349 35.03 -6.45 10.67
N GLU A 350 34.74 -6.99 9.49
CA GLU A 350 35.39 -6.60 8.27
C GLU A 350 35.07 -5.15 7.90
N ALA A 351 33.87 -4.70 8.27
CA ALA A 351 33.44 -3.33 8.02
C ALA A 351 34.11 -2.29 8.91
N GLY A 352 34.82 -2.69 9.96
CA GLY A 352 35.55 -1.76 10.79
C GLY A 352 35.00 -1.58 12.19
N PHE A 353 33.93 -2.28 12.54
CA PHE A 353 33.34 -2.15 13.86
C PHE A 353 33.94 -3.09 14.89
N THR A 354 34.10 -2.60 16.11
CA THR A 354 34.69 -3.31 17.23
C THR A 354 33.85 -3.11 18.50
N ALA A 355 34.31 -3.68 19.63
CA ALA A 355 33.61 -3.42 20.88
C ALA A 355 33.86 -1.99 21.33
N ASP A 356 35.03 -1.43 21.04
CA ASP A 356 35.34 -0.06 21.43
C ASP A 356 34.52 0.92 20.59
N LYS A 357 34.41 0.63 19.29
CA LYS A 357 33.63 1.48 18.39
C LYS A 357 32.52 0.68 17.72
N PRO A 358 31.47 0.33 18.47
CA PRO A 358 30.41 -0.51 17.95
C PRO A 358 29.56 0.22 16.94
N LEU A 359 28.68 -0.51 16.28
CA LEU A 359 27.78 0.08 15.29
C LEU A 359 26.55 0.55 16.08
N THR A 360 26.29 1.86 16.00
CA THR A 360 25.14 2.41 16.72
C THR A 360 24.27 3.23 15.76
N PHE A 361 22.95 2.92 15.71
CA PHE A 361 22.12 3.66 14.76
C PHE A 361 20.66 3.72 15.21
N ASP A 362 19.86 4.51 14.46
CA ASP A 362 18.47 4.66 14.83
C ASP A 362 17.53 3.71 14.12
N LEU A 363 16.46 3.34 14.82
CA LEU A 363 15.42 2.47 14.26
C LEU A 363 14.13 3.30 14.45
N LEU A 364 13.68 3.83 13.33
CA LEU A 364 12.47 4.67 13.23
C LEU A 364 11.25 3.79 12.98
N TYR A 365 10.15 4.02 13.66
CA TYR A 365 8.95 3.23 13.41
C TYR A 365 7.78 4.20 13.60
N ASN A 366 6.66 3.93 12.94
CA ASN A 366 5.46 4.77 13.19
C ASN A 366 4.74 4.26 14.44
N THR A 367 4.29 5.19 15.31
CA THR A 367 3.55 4.87 16.51
C THR A 367 2.61 3.70 16.38
N SER A 368 2.74 2.69 17.24
CA SER A 368 2.00 1.46 17.15
C SER A 368 2.42 0.49 18.27
N ASP A 369 1.46 -0.24 18.83
CA ASP A 369 1.89 -1.23 19.83
C ASP A 369 2.71 -2.30 19.15
N LEU A 370 2.21 -2.80 18.03
CA LEU A 370 2.89 -3.82 17.29
C LEU A 370 4.32 -3.42 16.88
N HIS A 371 4.45 -2.27 16.23
CA HIS A 371 5.77 -1.89 15.73
C HIS A 371 6.74 -1.61 16.90
N LYS A 372 6.26 -1.06 17.99
CA LYS A 372 7.15 -0.78 19.11
C LYS A 372 7.66 -2.11 19.70
N LYS A 373 6.72 -3.03 19.96
CA LYS A 373 7.16 -4.34 20.56
C LYS A 373 8.08 -5.12 19.65
N LEU A 374 7.80 -5.10 18.34
CA LEU A 374 8.70 -5.71 17.39
C LEU A 374 10.04 -4.96 17.31
N ALA A 375 10.07 -3.64 17.37
CA ALA A 375 11.37 -2.96 17.29
C ALA A 375 12.18 -3.21 18.59
N ILE A 376 11.50 -3.31 19.73
CA ILE A 376 12.26 -3.60 20.98
C ILE A 376 12.84 -5.02 20.86
N ALA A 377 12.08 -5.98 20.33
CA ALA A 377 12.63 -7.34 20.15
C ALA A 377 13.75 -7.40 19.15
N VAL A 378 13.67 -6.70 18.02
CA VAL A 378 14.72 -6.64 17.01
C VAL A 378 15.94 -5.93 17.59
N ALA A 379 15.75 -4.85 18.35
CA ALA A 379 16.89 -4.19 18.97
C ALA A 379 17.63 -5.20 19.89
N SER A 380 16.90 -5.97 20.66
CA SER A 380 17.47 -6.96 21.58
C SER A 380 18.21 -8.03 20.79
N ILE A 381 17.55 -8.56 19.77
CA ILE A 381 18.16 -9.58 18.91
C ILE A 381 19.43 -9.08 18.28
N TRP A 382 19.45 -7.84 17.73
CA TRP A 382 20.65 -7.34 17.10
C TRP A 382 21.76 -7.09 18.13
N LYS A 383 21.38 -6.68 19.31
CA LYS A 383 22.36 -6.45 20.37
C LYS A 383 23.00 -7.80 20.75
N LYS A 384 22.18 -8.80 21.02
CA LYS A 384 22.70 -10.11 21.42
C LYS A 384 23.43 -10.84 20.32
N ASN A 385 22.87 -10.86 19.11
CA ASN A 385 23.48 -11.60 18.02
C ASN A 385 24.61 -10.88 17.29
N LEU A 386 24.63 -9.56 17.26
CA LEU A 386 25.63 -8.86 16.45
C LEU A 386 26.38 -7.79 17.20
N GLY A 387 25.96 -7.49 18.43
CA GLY A 387 26.64 -6.44 19.19
C GLY A 387 26.35 -5.02 18.71
N VAL A 388 25.20 -4.79 18.05
CA VAL A 388 24.91 -3.41 17.60
C VAL A 388 23.93 -2.75 18.55
N ASN A 389 24.02 -1.44 18.70
CA ASN A 389 23.16 -0.67 19.58
C ASN A 389 22.18 0.12 18.69
N VAL A 390 20.91 0.05 19.06
CA VAL A 390 19.90 0.78 18.28
C VAL A 390 19.13 1.72 19.20
N ASN A 391 18.87 2.90 18.68
CA ASN A 391 18.06 3.90 19.37
C ASN A 391 16.71 3.96 18.64
N LEU A 392 15.68 3.54 19.33
CA LEU A 392 14.34 3.53 18.82
C LEU A 392 13.73 4.92 18.77
N GLU A 393 13.03 5.21 17.67
CA GLU A 393 12.39 6.55 17.57
C GLU A 393 10.97 6.35 17.01
N ASN A 394 9.93 6.83 17.69
CA ASN A 394 8.60 6.70 17.08
C ASN A 394 8.18 8.04 16.46
N GLN A 395 7.44 8.02 15.35
CA GLN A 395 6.86 9.21 14.74
C GLN A 395 5.43 8.89 14.28
N GLU A 396 4.53 9.88 14.27
CA GLU A 396 3.20 9.59 13.77
C GLU A 396 3.26 9.27 12.28
N TRP A 397 2.32 8.47 11.75
CA TRP A 397 2.36 8.08 10.34
C TRP A 397 2.75 9.11 9.29
N LYS A 398 2.03 10.24 9.20
CA LYS A 398 2.32 11.21 8.14
C LYS A 398 3.76 11.71 8.24
N THR A 399 4.23 11.98 9.47
CA THR A 399 5.61 12.49 9.61
C THR A 399 6.61 11.40 9.25
N PHE A 400 6.35 10.19 9.71
CA PHE A 400 7.17 9.01 9.40
C PHE A 400 7.39 8.84 7.91
N LEU A 401 6.29 8.91 7.10
CA LEU A 401 6.46 8.75 5.67
C LEU A 401 7.28 9.91 5.09
N ASP A 402 7.07 11.12 5.60
CA ASP A 402 7.88 12.25 5.10
C ASP A 402 9.35 12.03 5.46
N THR A 403 9.64 11.60 6.68
CA THR A 403 11.04 11.32 7.08
C THR A 403 11.74 10.36 6.14
N ARG A 404 11.03 9.28 5.78
CA ARG A 404 11.58 8.27 4.88
C ARG A 404 11.82 8.85 3.49
N HIS A 405 10.91 9.67 2.98
CA HIS A 405 11.17 10.29 1.68
C HIS A 405 12.36 11.28 1.79
N GLN A 406 12.47 11.94 2.92
CA GLN A 406 13.57 12.91 3.04
C GLN A 406 14.93 12.22 3.14
N GLY A 407 14.91 10.99 3.66
CA GLY A 407 16.15 10.26 3.85
C GLY A 407 16.70 10.77 5.21
N THR A 408 15.83 11.23 6.16
CA THR A 408 16.47 11.65 7.41
C THR A 408 16.41 10.54 8.47
N PHE A 409 17.01 9.40 8.07
CA PHE A 409 17.00 8.21 8.87
C PHE A 409 18.12 7.24 8.53
N ASP A 410 18.21 6.23 9.40
CA ASP A 410 19.19 5.15 9.29
C ASP A 410 18.46 3.91 8.82
N VAL A 411 17.66 3.33 9.72
CA VAL A 411 16.87 2.15 9.39
C VAL A 411 15.44 2.47 9.83
N ALA A 412 14.46 2.04 9.05
CA ALA A 412 13.07 2.32 9.42
C ALA A 412 12.24 1.06 9.25
N ARG A 413 11.29 0.85 10.18
CA ARG A 413 10.31 -0.21 10.06
C ARG A 413 9.57 0.11 8.76
N ALA A 414 9.17 -0.90 8.00
CA ALA A 414 8.51 -0.63 6.73
C ALA A 414 7.60 -1.77 6.34
N GLY A 415 6.70 -1.46 5.42
CA GLY A 415 5.78 -2.48 4.94
C GLY A 415 5.23 -2.02 3.60
N TRP A 416 5.26 -2.92 2.63
CA TRP A 416 4.67 -2.56 1.33
C TRP A 416 3.59 -3.55 1.02
N CYS A 417 2.42 -3.04 0.58
CA CYS A 417 1.36 -3.96 0.15
C CYS A 417 1.13 -3.71 -1.35
N ALA A 418 0.86 -4.75 -2.10
CA ALA A 418 0.66 -4.63 -3.56
C ALA A 418 -0.47 -3.67 -3.90
N ASP A 419 -0.27 -2.96 -5.01
CA ASP A 419 -1.30 -2.07 -5.54
C ASP A 419 -2.04 -2.80 -6.66
N TYR A 420 -1.35 -3.70 -7.33
CA TYR A 420 -1.96 -4.59 -8.32
C TYR A 420 -1.25 -5.92 -8.14
N ASN A 421 -1.95 -7.04 -8.40
CA ASN A 421 -1.29 -8.32 -8.11
C ASN A 421 -0.38 -8.78 -9.25
N GLU A 422 0.88 -8.36 -9.22
CA GLU A 422 1.93 -8.70 -10.22
C GLU A 422 3.21 -8.23 -9.58
N PRO A 423 4.30 -8.95 -9.72
CA PRO A 423 5.53 -8.63 -9.04
C PRO A 423 6.08 -7.23 -9.26
N THR A 424 5.83 -6.62 -10.39
CA THR A 424 6.35 -5.24 -10.57
C THR A 424 5.69 -4.26 -9.63
N SER A 425 4.52 -4.54 -9.03
CA SER A 425 3.90 -3.68 -8.03
C SER A 425 4.81 -3.54 -6.82
N PHE A 426 5.64 -4.54 -6.55
CA PHE A 426 6.69 -4.37 -5.55
C PHE A 426 7.97 -3.90 -6.21
N LEU A 427 8.40 -4.62 -7.28
CA LEU A 427 9.74 -4.38 -7.81
C LEU A 427 10.01 -2.97 -8.35
N ASN A 428 9.01 -2.35 -8.93
CA ASN A 428 9.15 -1.02 -9.51
C ASN A 428 9.48 0.04 -8.47
N THR A 429 9.17 -0.21 -7.18
CA THR A 429 9.48 0.76 -6.14
C THR A 429 10.96 0.81 -5.77
N MET A 430 11.75 -0.12 -6.27
CA MET A 430 13.18 -0.15 -6.02
C MET A 430 13.98 0.34 -7.25
N LEU A 431 13.28 0.78 -8.29
CA LEU A 431 13.93 1.39 -9.45
C LEU A 431 14.59 2.68 -9.00
N SER A 432 15.75 3.02 -9.55
CA SER A 432 16.54 4.16 -9.14
C SER A 432 15.75 5.46 -9.01
N ASP A 433 14.90 5.73 -9.99
CA ASP A 433 14.12 6.92 -10.06
C ASP A 433 12.66 6.75 -9.61
N SER A 434 12.32 5.70 -8.88
CA SER A 434 10.91 5.61 -8.43
C SER A 434 10.60 6.63 -7.37
N SER A 435 9.44 7.27 -7.50
CA SER A 435 8.94 8.17 -6.44
C SER A 435 8.64 7.40 -5.16
N ASN A 436 8.44 6.07 -5.18
CA ASN A 436 8.18 5.28 -3.99
C ASN A 436 9.46 4.67 -3.42
N ASN A 437 10.62 5.03 -3.97
CA ASN A 437 11.85 4.43 -3.42
C ASN A 437 12.37 5.16 -2.18
N THR A 438 11.80 4.76 -1.05
CA THR A 438 12.23 5.30 0.26
C THR A 438 13.45 4.54 0.75
N ALA A 439 13.89 3.46 0.08
CA ALA A 439 15.12 2.77 0.48
C ALA A 439 16.31 3.58 -0.02
N HIS A 440 16.08 4.43 -0.99
CA HIS A 440 17.06 5.28 -1.67
C HIS A 440 18.13 4.34 -2.25
N TYR A 441 17.67 3.23 -2.84
CA TYR A 441 18.48 2.20 -3.46
C TYR A 441 18.56 2.53 -4.97
N LYS A 442 19.77 2.47 -5.50
CA LYS A 442 20.01 2.78 -6.90
C LYS A 442 20.99 1.75 -7.48
N SER A 443 20.45 0.82 -8.24
CA SER A 443 21.25 -0.22 -8.88
C SER A 443 20.91 -0.28 -10.36
N PRO A 444 21.91 0.10 -11.19
CA PRO A 444 21.75 -0.01 -12.64
C PRO A 444 21.46 -1.46 -13.03
N ALA A 445 22.06 -2.45 -12.37
CA ALA A 445 21.79 -3.85 -12.71
C ALA A 445 20.33 -4.21 -12.41
N PHE A 446 19.82 -3.73 -11.27
CA PHE A 446 18.41 -4.03 -10.92
C PHE A 446 17.51 -3.36 -11.91
N ASP A 447 17.79 -2.08 -12.25
CA ASP A 447 16.93 -1.34 -13.16
C ASP A 447 16.84 -2.05 -14.51
N LYS A 448 18.00 -2.53 -14.96
CA LYS A 448 18.03 -3.22 -16.26
C LYS A 448 17.19 -4.49 -16.26
N LEU A 449 17.27 -5.28 -15.19
CA LEU A 449 16.45 -6.50 -15.15
C LEU A 449 14.98 -6.17 -15.30
N ILE A 450 14.45 -5.15 -14.59
CA ILE A 450 13.03 -4.84 -14.70
C ILE A 450 12.67 -4.25 -16.06
N ALA A 451 13.52 -3.39 -16.62
CA ALA A 451 13.29 -2.87 -17.96
C ALA A 451 13.11 -4.00 -19.00
N ASP A 452 13.89 -5.06 -18.88
CA ASP A 452 13.86 -6.21 -19.75
C ASP A 452 12.57 -7.02 -19.62
N THR A 453 11.83 -6.94 -18.54
CA THR A 453 10.60 -7.66 -18.37
C THR A 453 9.54 -7.28 -19.41
N LEU A 454 9.52 -6.09 -20.02
CA LEU A 454 8.47 -5.78 -20.98
C LEU A 454 9.07 -5.79 -22.40
N LYS A 455 10.32 -6.23 -22.49
CA LYS A 455 11.04 -6.39 -23.73
C LYS A 455 10.91 -7.81 -24.24
N VAL A 456 10.35 -8.70 -23.43
CA VAL A 456 10.04 -10.08 -23.76
C VAL A 456 8.50 -10.17 -23.83
N ALA A 457 7.92 -11.13 -24.51
CA ALA A 457 6.47 -11.29 -24.64
C ALA A 457 6.09 -12.67 -24.11
N ASP A 458 6.75 -13.05 -23.04
CA ASP A 458 6.62 -14.37 -22.43
C ASP A 458 6.59 -14.25 -20.91
N ASP A 459 5.53 -14.80 -20.29
CA ASP A 459 5.36 -14.79 -18.84
C ASP A 459 6.40 -15.64 -18.14
N THR A 460 6.95 -16.67 -18.78
CA THR A 460 8.02 -17.46 -18.19
C THR A 460 9.33 -16.70 -18.13
N GLN A 461 9.63 -15.94 -19.20
CA GLN A 461 10.88 -15.17 -19.15
C GLN A 461 10.68 -14.00 -18.17
N ARG A 462 9.46 -13.46 -18.16
CA ARG A 462 9.17 -12.34 -17.23
C ARG A 462 9.34 -12.78 -15.78
N SER A 463 8.78 -13.93 -15.43
CA SER A 463 8.93 -14.45 -14.07
C SER A 463 10.37 -14.71 -13.69
N GLU A 464 11.16 -15.22 -14.68
CA GLU A 464 12.58 -15.52 -14.42
C GLU A 464 13.37 -14.25 -14.15
N LEU A 465 13.03 -13.17 -14.86
CA LEU A 465 13.64 -11.86 -14.66
C LEU A 465 13.19 -11.29 -13.30
N TYR A 466 11.90 -11.48 -12.95
CA TYR A 466 11.52 -11.03 -11.60
C TYR A 466 12.30 -11.76 -10.50
N ALA A 467 12.54 -13.10 -10.65
CA ALA A 467 13.34 -13.82 -9.70
C ALA A 467 14.77 -13.28 -9.64
N LYS A 468 15.37 -13.03 -10.81
CA LYS A 468 16.71 -12.46 -10.84
C LYS A 468 16.76 -11.07 -10.21
N ALA A 469 15.72 -10.26 -10.37
CA ALA A 469 15.69 -8.91 -9.75
C ALA A 469 15.64 -9.04 -8.23
N GLU A 470 14.89 -10.02 -7.70
CA GLU A 470 14.88 -10.25 -6.26
C GLU A 470 16.28 -10.70 -5.82
N GLN A 471 16.91 -11.57 -6.62
CA GLN A 471 18.25 -12.03 -6.25
C GLN A 471 19.22 -10.85 -6.25
N GLN A 472 19.09 -9.91 -7.16
CA GLN A 472 19.98 -8.75 -7.16
C GLN A 472 19.74 -7.89 -5.91
N LEU A 473 18.45 -7.67 -5.59
CA LEU A 473 18.14 -6.89 -4.37
C LEU A 473 18.72 -7.55 -3.15
N ASP A 474 18.60 -8.89 -3.03
CA ASP A 474 19.11 -9.67 -1.95
C ASP A 474 20.65 -9.63 -1.87
N LYS A 475 21.31 -9.75 -3.00
CA LYS A 475 22.77 -9.76 -3.00
C LYS A 475 23.29 -8.40 -2.54
N ASP A 476 22.56 -7.35 -2.83
CA ASP A 476 22.91 -6.01 -2.35
C ASP A 476 22.38 -5.70 -0.95
N SER A 477 21.62 -6.61 -0.37
CA SER A 477 20.97 -6.41 0.91
C SER A 477 20.35 -5.01 0.97
N ALA A 478 19.49 -4.73 0.00
CA ALA A 478 18.83 -3.40 0.03
C ALA A 478 17.94 -3.26 1.25
N ILE A 479 17.27 -4.32 1.65
CA ILE A 479 16.36 -4.31 2.78
C ILE A 479 16.60 -5.48 3.71
N VAL A 480 15.93 -5.49 4.86
CA VAL A 480 15.94 -6.61 5.78
C VAL A 480 14.52 -7.19 5.77
N PRO A 481 14.24 -8.18 4.95
CA PRO A 481 12.92 -8.82 4.97
C PRO A 481 12.67 -9.45 6.33
N VAL A 482 11.44 -9.29 6.85
CA VAL A 482 11.15 -9.91 8.16
C VAL A 482 10.07 -10.98 8.03
N TYR A 483 8.89 -10.58 7.54
CA TYR A 483 7.82 -11.59 7.36
C TYR A 483 6.81 -11.15 6.30
N TYR A 484 6.07 -12.11 5.76
CA TYR A 484 4.95 -11.81 4.85
C TYR A 484 3.72 -11.74 5.74
N TYR A 485 2.98 -10.62 5.61
CA TYR A 485 1.87 -10.37 6.47
C TYR A 485 0.71 -11.34 6.12
N VAL A 486 -0.13 -11.49 7.15
CA VAL A 486 -1.43 -12.08 6.92
C VAL A 486 -2.41 -10.93 7.22
N ASN A 487 -3.60 -10.99 6.63
CA ASN A 487 -4.56 -9.90 6.90
C ASN A 487 -5.41 -10.35 8.09
N ALA A 488 -5.02 -9.96 9.30
CA ALA A 488 -5.72 -10.35 10.52
C ALA A 488 -6.45 -9.15 11.13
N ARG A 489 -7.76 -9.27 11.34
CA ARG A 489 -8.52 -8.17 11.91
C ARG A 489 -9.79 -8.73 12.56
N LEU A 490 -10.46 -7.93 13.39
CA LEU A 490 -11.71 -8.38 13.98
C LEU A 490 -12.85 -7.75 13.20
N VAL A 491 -13.90 -8.50 12.91
CA VAL A 491 -15.09 -8.05 12.21
C VAL A 491 -16.31 -8.57 12.96
N LYS A 492 -17.21 -7.68 13.38
CA LYS A 492 -18.38 -8.09 14.19
C LYS A 492 -19.18 -9.04 13.33
N PRO A 493 -19.93 -9.97 13.95
CA PRO A 493 -20.72 -10.95 13.22
C PRO A 493 -21.79 -10.34 12.34
N TRP A 494 -22.22 -9.12 12.63
CA TRP A 494 -23.26 -8.42 11.91
C TRP A 494 -22.74 -7.64 10.71
N VAL A 495 -21.42 -7.65 10.50
CA VAL A 495 -20.92 -6.97 9.27
C VAL A 495 -20.91 -7.95 8.12
N GLY A 496 -21.79 -7.76 7.14
CA GLY A 496 -21.85 -8.65 6.00
C GLY A 496 -21.06 -8.06 4.81
N GLY A 497 -20.61 -8.92 3.91
CA GLY A 497 -19.98 -8.45 2.69
C GLY A 497 -18.45 -8.48 2.67
N TYR A 498 -17.80 -8.76 3.79
CA TYR A 498 -16.35 -8.79 3.86
C TYR A 498 -15.90 -10.25 3.70
N THR A 499 -15.47 -10.61 2.49
CA THR A 499 -15.11 -12.00 2.18
C THR A 499 -13.76 -12.39 2.75
N GLY A 500 -12.82 -11.45 2.67
CA GLY A 500 -11.43 -11.72 3.03
C GLY A 500 -10.75 -12.38 1.83
N LYS A 501 -11.42 -12.53 0.69
CA LYS A 501 -10.85 -13.20 -0.46
C LYS A 501 -9.88 -12.36 -1.28
N ASP A 502 -9.96 -11.05 -1.14
CA ASP A 502 -9.05 -10.18 -1.91
C ASP A 502 -7.72 -10.07 -1.18
N PRO A 503 -6.61 -10.53 -1.76
CA PRO A 503 -5.31 -10.49 -1.11
C PRO A 503 -4.73 -9.09 -1.08
N LEU A 504 -5.33 -8.12 -1.79
CA LEU A 504 -4.95 -6.73 -1.70
C LEU A 504 -5.79 -5.97 -0.66
N ASP A 505 -6.89 -6.59 -0.17
CA ASP A 505 -7.72 -5.94 0.86
C ASP A 505 -8.26 -4.58 0.41
N ASN A 506 -8.73 -4.51 -0.83
CA ASN A 506 -9.30 -3.27 -1.39
C ASN A 506 -10.78 -3.21 -1.07
N ILE A 507 -11.08 -2.91 0.21
CA ILE A 507 -12.50 -2.90 0.61
C ILE A 507 -13.19 -1.64 0.17
N TYR A 508 -14.45 -1.75 -0.19
CA TYR A 508 -15.31 -0.61 -0.53
C TYR A 508 -16.50 -0.72 0.44
N VAL A 509 -16.81 0.34 1.18
CA VAL A 509 -17.95 0.28 2.11
C VAL A 509 -19.27 0.14 1.39
N LYS A 510 -19.30 0.51 0.11
CA LYS A 510 -20.52 0.29 -0.69
C LYS A 510 -20.85 -1.19 -0.82
N ASN A 511 -19.95 -2.12 -0.60
CA ASN A 511 -20.21 -3.56 -0.69
C ASN A 511 -20.62 -4.18 0.63
N LEU A 512 -20.67 -3.45 1.74
CA LEU A 512 -20.94 -4.08 3.04
C LEU A 512 -22.40 -3.82 3.45
N TYR A 513 -22.85 -4.48 4.50
CA TYR A 513 -24.21 -4.26 5.00
C TYR A 513 -24.25 -4.71 6.45
N ILE A 514 -25.20 -4.17 7.21
CA ILE A 514 -25.34 -4.54 8.63
C ILE A 514 -26.57 -5.45 8.82
N ILE A 515 -26.30 -6.64 9.32
CA ILE A 515 -27.34 -7.64 9.58
C ILE A 515 -28.00 -7.30 10.91
N LYS A 516 -29.31 -7.42 11.01
CA LYS A 516 -30.01 -7.16 12.27
C LYS A 516 -29.42 -7.94 13.42
N HIS A 517 -29.18 -7.31 14.55
CA HIS A 517 -28.61 -7.94 15.73
C HIS A 517 -29.03 -7.22 17.01
N LYS B 1 1.40 0.23 -1.92
CA LYS B 1 1.03 1.26 -0.90
C LYS B 1 1.74 0.95 0.41
N ASP B 2 2.06 1.97 1.18
CA ASP B 2 2.78 1.76 2.44
C ASP B 2 1.84 1.32 3.56
N LYS B 3 2.28 0.33 4.34
CA LYS B 3 1.49 -0.11 5.47
C LYS B 3 2.30 -0.04 6.77
#